data_3JPX
#
_entry.id   3JPX
#
_cell.length_a   57.877
_cell.length_b   85.298
_cell.length_c   91.329
_cell.angle_alpha   90.00
_cell.angle_beta   90.00
_cell.angle_gamma   90.00
#
_symmetry.space_group_name_H-M   'P 21 21 21'
#
loop_
_entity.id
_entity.type
_entity.pdbx_description
1 polymer 'Polycomb protein EED'
2 polymer 'HISTONE PEPTIDE'
3 water water
#
loop_
_entity_poly.entity_id
_entity_poly.type
_entity_poly.pdbx_seq_one_letter_code
_entity_poly.pdbx_strand_id
1 'polypeptide(L)'
;DAVSIESGTNTERPDTPTNTPNAPGRKSWGKGKWKSKKCKYSFKCVNSLKEDHNQPLFGVQFNWHSKEGDPLVFATVGSN
RVTLYECHSQGEIRLLQSYVDADADENFYTCAWTYDSNTSHPLLAVAGSRGIIRIINPITMQCIKHYVGHGNAINELKFH
PRDPNLLLSVSKDHALRLWNIQTDTLVAIFGGVEGHRDEVLSADYDLLGEKIMSCGMDHSLKLWRINSKRMMNAIKESYD
YNPNKTNRPFISQKIHFPDFSTRDIHRNYVDCVRWLGDLILSKSCENAIVCWKPGKMEDDIDKIKPSESNVTILGRFDYS
QCDIWYMRFSMDFWQKMLALGNQVGKLYVWDLEVEDPHKAKCTTLTHHKCGAAIRQTSFSRDSSILIAVCDDASIWRWDR
LR
;
A
2 'polypeptide(L)' GGAKRHR(M3L)VLRDNIQ B
#
# COMPACT_ATOMS: atom_id res chain seq x y z
N SER A 42 -2.47 0.17 -26.53
CA SER A 42 -1.65 -0.18 -25.35
C SER A 42 -2.48 -1.25 -24.60
N PHE A 43 -3.19 -0.83 -23.56
CA PHE A 43 -4.04 -1.75 -22.79
C PHE A 43 -5.40 -1.94 -23.39
N LYS A 44 -5.88 -3.18 -23.44
CA LYS A 44 -7.26 -3.48 -23.86
C LYS A 44 -7.97 -4.26 -22.77
N CYS A 45 -9.25 -3.97 -22.56
CA CYS A 45 -9.99 -4.67 -21.50
C CYS A 45 -10.36 -6.07 -22.04
N VAL A 46 -9.85 -7.15 -21.46
CA VAL A 46 -10.06 -8.50 -22.02
C VAL A 46 -11.04 -9.31 -21.18
N ASN A 47 -11.34 -8.88 -19.95
CA ASN A 47 -12.28 -9.65 -19.07
C ASN A 47 -12.72 -8.83 -17.86
N SER A 48 -13.80 -9.25 -17.21
CA SER A 48 -14.21 -8.77 -15.91
C SER A 48 -15.05 -9.85 -15.25
N LEU A 49 -15.17 -9.79 -13.91
CA LEU A 49 -16.11 -10.68 -13.21
C LEU A 49 -16.48 -9.95 -11.96
N LYS A 50 -17.33 -10.55 -11.15
CA LYS A 50 -17.79 -9.90 -9.94
C LYS A 50 -17.82 -10.96 -8.85
N GLU A 51 -17.43 -10.62 -7.61
CA GLU A 51 -17.37 -11.60 -6.57
C GLU A 51 -18.74 -11.65 -5.86
N ASP A 52 -19.10 -12.82 -5.34
CA ASP A 52 -20.48 -13.07 -4.86
C ASP A 52 -20.98 -12.18 -3.69
N HIS A 53 -20.10 -11.52 -2.95
CA HIS A 53 -20.52 -10.74 -1.76
C HIS A 53 -21.12 -9.35 -2.05
N ASN A 54 -20.89 -8.84 -3.27
CA ASN A 54 -21.30 -7.49 -3.64
C ASN A 54 -20.83 -6.32 -2.73
N GLN A 55 -19.84 -6.49 -1.88
CA GLN A 55 -19.22 -5.38 -1.12
C GLN A 55 -17.96 -4.83 -1.84
N PRO A 56 -17.51 -3.61 -1.47
CA PRO A 56 -16.32 -3.14 -2.14
C PRO A 56 -15.09 -4.05 -2.04
N LEU A 57 -14.41 -4.20 -3.18
CA LEU A 57 -13.02 -4.65 -3.18
C LEU A 57 -12.09 -3.45 -2.95
N PHE A 58 -11.50 -3.40 -1.75
CA PHE A 58 -10.68 -2.26 -1.38
C PHE A 58 -9.23 -2.38 -1.79
N GLY A 59 -8.76 -3.59 -2.06
CA GLY A 59 -7.40 -3.75 -2.54
C GLY A 59 -7.21 -4.88 -3.50
N VAL A 60 -6.17 -4.74 -4.33
CA VAL A 60 -5.74 -5.81 -5.23
C VAL A 60 -4.20 -5.80 -5.25
N GLN A 61 -3.54 -6.96 -5.26
CA GLN A 61 -2.09 -7.02 -5.46
C GLN A 61 -1.71 -8.24 -6.25
N PHE A 62 -0.99 -8.04 -7.36
CA PHE A 62 -0.26 -9.18 -7.99
C PHE A 62 0.83 -9.65 -7.05
N ASN A 63 1.10 -10.93 -7.11
CA ASN A 63 2.21 -11.49 -6.39
C ASN A 63 3.47 -11.32 -7.27
N TRP A 64 4.35 -10.39 -6.89
CA TRP A 64 5.57 -10.18 -7.67
C TRP A 64 6.68 -11.15 -7.25
N HIS A 65 6.39 -12.04 -6.29
CA HIS A 65 7.33 -13.11 -5.91
C HIS A 65 6.95 -14.45 -6.54
N SER A 66 6.06 -14.42 -7.55
CA SER A 66 5.78 -15.62 -8.37
C SER A 66 7.05 -16.28 -8.87
N LYS A 67 7.05 -17.63 -8.96
CA LYS A 67 8.24 -18.37 -9.45
C LYS A 67 8.26 -18.33 -10.97
N GLU A 68 9.47 -18.33 -11.52
CA GLU A 68 9.64 -18.36 -13.02
C GLU A 68 8.80 -19.46 -13.68
N GLY A 69 8.01 -19.07 -14.67
CA GLY A 69 7.18 -20.05 -15.36
C GLY A 69 5.87 -20.43 -14.66
N ASP A 70 5.63 -19.98 -13.43
CA ASP A 70 4.26 -20.13 -12.84
C ASP A 70 3.29 -19.05 -13.38
N PRO A 71 1.97 -19.33 -13.39
CA PRO A 71 1.08 -18.29 -13.89
C PRO A 71 1.03 -17.03 -12.95
N LEU A 72 0.62 -15.91 -13.53
CA LEU A 72 0.54 -14.62 -12.83
C LEU A 72 -0.70 -14.76 -11.92
N VAL A 73 -0.54 -14.38 -10.66
CA VAL A 73 -1.55 -14.57 -9.62
C VAL A 73 -1.76 -13.23 -8.90
N PHE A 74 -3.00 -12.87 -8.59
CA PHE A 74 -3.27 -11.73 -7.79
C PHE A 74 -4.29 -12.04 -6.69
N ALA A 75 -4.26 -11.23 -5.65
CA ALA A 75 -5.19 -11.28 -4.53
C ALA A 75 -6.10 -10.06 -4.53
N THR A 76 -7.38 -10.26 -4.17
CA THR A 76 -8.32 -9.16 -3.99
C THR A 76 -8.71 -9.26 -2.55
N VAL A 77 -8.99 -8.12 -1.91
CA VAL A 77 -9.53 -8.16 -0.51
C VAL A 77 -10.79 -7.30 -0.48
N GLY A 78 -11.80 -7.77 0.23
CA GLY A 78 -13.07 -7.04 0.38
C GLY A 78 -14.01 -7.93 1.16
N SER A 79 -15.08 -7.33 1.67
CA SER A 79 -15.94 -8.04 2.61
C SER A 79 -15.01 -8.61 3.69
N ASN A 80 -15.31 -9.81 4.23
CA ASN A 80 -14.46 -10.45 5.20
C ASN A 80 -13.55 -11.51 4.55
N ARG A 81 -13.18 -11.34 3.28
CA ARG A 81 -12.37 -12.38 2.60
C ARG A 81 -11.14 -11.87 1.84
N VAL A 82 -10.21 -12.78 1.46
CA VAL A 82 -9.21 -12.46 0.45
C VAL A 82 -9.38 -13.59 -0.55
N THR A 83 -9.28 -13.27 -1.84
CA THR A 83 -9.40 -14.29 -2.89
C THR A 83 -8.22 -14.24 -3.85
N LEU A 84 -7.75 -15.41 -4.27
CA LEU A 84 -6.64 -15.47 -5.24
C LEU A 84 -7.16 -15.91 -6.61
N TYR A 85 -6.61 -15.33 -7.68
CA TYR A 85 -6.99 -15.66 -9.07
C TYR A 85 -5.73 -15.84 -9.89
N GLU A 86 -5.80 -16.71 -10.91
CA GLU A 86 -4.74 -16.88 -11.90
C GLU A 86 -5.14 -16.31 -13.25
N CYS A 87 -4.23 -15.52 -13.84
CA CYS A 87 -4.39 -14.99 -15.22
C CYS A 87 -3.91 -16.00 -16.26
N HIS A 88 -4.78 -16.34 -17.20
CA HIS A 88 -4.43 -17.24 -18.28
C HIS A 88 -4.77 -16.59 -19.60
N SER A 89 -4.49 -17.28 -20.71
CA SER A 89 -4.74 -16.68 -22.05
C SER A 89 -6.23 -16.48 -22.33
N GLN A 90 -6.50 -15.72 -23.39
CA GLN A 90 -7.84 -15.28 -23.75
C GLN A 90 -8.52 -14.54 -22.65
N GLY A 91 -7.76 -13.82 -21.85
CA GLY A 91 -8.42 -13.03 -20.81
C GLY A 91 -8.94 -13.86 -19.63
N GLU A 92 -8.73 -15.20 -19.62
CA GLU A 92 -9.25 -16.02 -18.52
C GLU A 92 -8.72 -15.57 -17.15
N ILE A 93 -9.64 -15.40 -16.21
CA ILE A 93 -9.34 -15.12 -14.80
C ILE A 93 -9.84 -16.30 -13.98
N ARG A 94 -8.96 -17.24 -13.65
CA ARG A 94 -9.33 -18.50 -13.01
C ARG A 94 -9.43 -18.36 -11.46
N LEU A 95 -10.63 -18.48 -10.92
CA LEU A 95 -10.83 -18.53 -9.45
C LEU A 95 -10.09 -19.70 -8.75
N LEU A 96 -9.36 -19.39 -7.70
CA LEU A 96 -8.61 -20.39 -6.98
C LEU A 96 -9.30 -20.67 -5.63
N GLN A 97 -9.00 -19.88 -4.60
CA GLN A 97 -9.53 -20.23 -3.29
C GLN A 97 -9.42 -18.97 -2.43
N SER A 98 -10.37 -18.81 -1.49
CA SER A 98 -10.40 -17.64 -0.61
C SER A 98 -10.05 -18.05 0.81
N TYR A 99 -9.60 -17.07 1.60
CA TYR A 99 -9.60 -17.13 3.03
C TYR A 99 -10.79 -16.24 3.50
N VAL A 100 -11.65 -16.78 4.35
CA VAL A 100 -12.84 -16.05 4.84
C VAL A 100 -12.70 -15.97 6.36
N ASP A 101 -12.73 -14.78 6.92
CA ASP A 101 -12.49 -14.68 8.38
C ASP A 101 -13.66 -15.34 9.14
N ALA A 102 -13.38 -15.99 10.29
CA ALA A 102 -14.45 -16.51 11.19
C ALA A 102 -15.42 -15.34 11.62
N ASP A 103 -14.92 -14.12 11.73
CA ASP A 103 -15.78 -13.01 12.11
C ASP A 103 -16.50 -12.40 10.89
N ALA A 104 -17.83 -12.52 10.85
CA ALA A 104 -18.61 -11.95 9.73
C ALA A 104 -18.52 -10.40 9.70
N ASP A 105 -18.17 -9.78 10.83
CA ASP A 105 -17.93 -8.33 10.93
C ASP A 105 -16.53 -7.81 10.61
N GLU A 106 -15.59 -8.71 10.33
CA GLU A 106 -14.28 -8.28 9.82
C GLU A 106 -14.50 -7.64 8.47
N ASN A 107 -13.71 -6.64 8.13
CA ASN A 107 -13.76 -6.13 6.77
C ASN A 107 -12.31 -5.89 6.30
N PHE A 108 -11.82 -6.76 5.43
CA PHE A 108 -10.41 -6.61 5.00
C PHE A 108 -10.29 -5.44 4.06
N TYR A 109 -9.27 -4.63 4.27
CA TYR A 109 -9.06 -3.43 3.48
C TYR A 109 -7.83 -3.57 2.59
N THR A 110 -6.85 -4.35 3.06
CA THR A 110 -5.56 -4.25 2.49
C THR A 110 -4.84 -5.59 2.49
N CYS A 111 -3.96 -5.74 1.52
CA CYS A 111 -3.05 -6.89 1.60
C CYS A 111 -1.67 -6.56 1.02
N ALA A 112 -0.70 -7.44 1.30
CA ALA A 112 0.67 -7.28 0.77
C ALA A 112 1.37 -8.64 0.70
N TRP A 113 2.15 -8.86 -0.35
CA TRP A 113 2.89 -10.13 -0.54
C TRP A 113 4.33 -10.00 -0.06
N THR A 114 4.85 -11.13 0.44
CA THR A 114 6.24 -11.29 0.78
C THR A 114 6.56 -12.77 0.54
N TYR A 115 7.70 -13.24 0.99
CA TYR A 115 7.95 -14.68 0.90
C TYR A 115 8.53 -15.13 2.22
N ASP A 116 8.40 -16.40 2.52
CA ASP A 116 9.13 -16.95 3.67
C ASP A 116 10.64 -16.91 3.45
N SER A 117 11.41 -16.32 4.36
CA SER A 117 12.82 -16.00 4.00
C SER A 117 13.71 -17.25 4.04
N ASN A 118 13.19 -18.28 4.74
CA ASN A 118 13.82 -19.63 4.68
C ASN A 118 13.45 -20.50 3.50
N THR A 119 12.16 -20.58 3.18
CA THR A 119 11.67 -21.53 2.15
C THR A 119 11.41 -20.92 0.79
N SER A 120 11.47 -19.58 0.73
CA SER A 120 11.09 -18.85 -0.48
C SER A 120 9.65 -18.91 -0.87
N HIS A 121 8.81 -19.62 -0.13
CA HIS A 121 7.42 -19.65 -0.58
C HIS A 121 6.77 -18.32 -0.32
N PRO A 122 5.94 -17.84 -1.28
CA PRO A 122 5.15 -16.61 -1.19
C PRO A 122 4.22 -16.65 0.05
N LEU A 123 4.06 -15.53 0.75
CA LEU A 123 3.13 -15.38 1.85
C LEU A 123 2.29 -14.17 1.56
N LEU A 124 1.06 -14.13 2.13
CA LEU A 124 0.16 -12.99 1.88
C LEU A 124 -0.25 -12.41 3.21
N ALA A 125 0.02 -11.11 3.47
CA ALA A 125 -0.54 -10.48 4.64
C ALA A 125 -1.83 -9.74 4.34
N VAL A 126 -2.82 -9.84 5.24
CA VAL A 126 -4.06 -9.14 5.10
C VAL A 126 -4.46 -8.43 6.43
N ALA A 127 -5.18 -7.33 6.34
CA ALA A 127 -5.65 -6.67 7.54
C ALA A 127 -6.79 -5.76 7.14
N GLY A 128 -7.60 -5.33 8.11
CA GLY A 128 -8.69 -4.34 7.86
C GLY A 128 -9.28 -3.82 9.16
N SER A 129 -10.62 -3.72 9.22
CA SER A 129 -11.28 -3.02 10.35
C SER A 129 -11.02 -3.63 11.75
N ARG A 130 -10.85 -4.95 11.86
CA ARG A 130 -10.58 -5.52 13.21
C ARG A 130 -9.18 -5.24 13.76
N GLY A 131 -8.30 -4.67 12.94
CA GLY A 131 -6.95 -4.33 13.34
C GLY A 131 -6.10 -5.55 13.62
N ILE A 132 -6.44 -6.67 12.98
CA ILE A 132 -5.69 -7.92 13.12
C ILE A 132 -4.93 -8.17 11.79
N ILE A 133 -3.63 -8.39 11.84
CA ILE A 133 -2.88 -8.75 10.64
C ILE A 133 -2.92 -10.27 10.53
N ARG A 134 -3.36 -10.78 9.39
CA ARG A 134 -3.21 -12.21 9.22
C ARG A 134 -2.09 -12.55 8.20
N ILE A 135 -1.29 -13.57 8.50
CA ILE A 135 -0.29 -14.07 7.56
C ILE A 135 -0.84 -15.32 6.96
N ILE A 136 -1.10 -15.28 5.65
CA ILE A 136 -1.87 -16.37 4.96
C ILE A 136 -0.90 -17.13 4.05
N ASN A 137 -0.90 -18.47 4.13
CA ASN A 137 -0.24 -19.37 3.16
C ASN A 137 -1.11 -19.40 1.90
N PRO A 138 -0.63 -18.79 0.80
CA PRO A 138 -1.54 -18.61 -0.33
C PRO A 138 -1.89 -19.92 -1.06
N ILE A 139 -1.09 -20.97 -0.78
CA ILE A 139 -1.31 -22.27 -1.41
C ILE A 139 -2.61 -22.90 -0.88
N THR A 140 -2.68 -23.05 0.45
CA THR A 140 -3.82 -23.69 1.18
C THR A 140 -4.82 -22.68 1.71
N MET A 141 -4.40 -21.40 1.76
CA MET A 141 -5.14 -20.32 2.36
C MET A 141 -5.33 -20.49 3.87
N GLN A 142 -4.41 -21.25 4.51
CA GLN A 142 -4.44 -21.35 5.95
C GLN A 142 -3.91 -20.08 6.55
N CYS A 143 -4.53 -19.66 7.63
CA CYS A 143 -3.96 -18.56 8.36
C CYS A 143 -2.78 -19.12 9.19
N ILE A 144 -1.54 -18.76 8.84
CA ILE A 144 -0.41 -19.32 9.57
C ILE A 144 -0.26 -18.72 10.96
N LYS A 145 -0.56 -17.42 11.08
CA LYS A 145 -0.39 -16.66 12.32
C LYS A 145 -0.99 -15.26 12.17
N HIS A 146 -1.24 -14.59 13.30
CA HIS A 146 -1.84 -13.27 13.27
C HIS A 146 -1.17 -12.38 14.34
N TYR A 147 -1.31 -11.07 14.21
CA TYR A 147 -0.62 -10.10 15.03
C TYR A 147 -1.71 -9.12 15.47
N VAL A 148 -1.73 -8.77 16.72
CA VAL A 148 -2.67 -7.77 17.19
C VAL A 148 -1.84 -6.70 17.86
N GLY A 149 -2.19 -5.46 17.63
CA GLY A 149 -1.54 -4.41 18.39
C GLY A 149 -2.43 -3.24 18.28
N HIS A 150 -2.64 -2.82 17.02
CA HIS A 150 -3.39 -1.61 16.72
C HIS A 150 -4.72 -1.66 17.46
N GLY A 151 -5.24 -2.92 17.71
CA GLY A 151 -6.63 -3.23 18.09
C GLY A 151 -7.66 -2.58 17.14
N ASN A 152 -7.17 -1.52 16.46
CA ASN A 152 -7.96 -0.53 15.68
C ASN A 152 -7.70 -0.68 14.19
N ALA A 153 -8.61 -0.25 13.32
CA ALA A 153 -8.57 -0.58 11.88
C ALA A 153 -7.17 -0.36 11.30
N ILE A 154 -6.71 -1.34 10.52
CA ILE A 154 -5.54 -1.19 9.71
C ILE A 154 -5.89 -0.74 8.25
N ASN A 155 -5.37 0.43 7.85
CA ASN A 155 -5.64 1.05 6.53
C ASN A 155 -4.67 0.61 5.45
N GLU A 156 -3.46 0.18 5.81
CA GLU A 156 -2.51 -0.26 4.82
C GLU A 156 -1.37 -1.08 5.41
N LEU A 157 -0.90 -2.03 4.62
CA LEU A 157 0.24 -2.85 4.91
C LEU A 157 1.26 -2.68 3.78
N LYS A 158 2.56 -2.65 4.12
CA LYS A 158 3.60 -2.65 3.13
C LYS A 158 4.78 -3.47 3.64
N PHE A 159 5.43 -4.20 2.74
CA PHE A 159 6.68 -4.92 3.17
C PHE A 159 7.92 -4.17 2.76
N HIS A 160 8.95 -4.15 3.61
CA HIS A 160 10.25 -3.57 3.29
C HIS A 160 10.80 -4.10 1.92
N PRO A 161 11.45 -3.23 1.12
CA PRO A 161 11.87 -3.65 -0.25
C PRO A 161 13.08 -4.56 -0.25
N ARG A 162 13.85 -4.61 0.83
CA ARG A 162 15.02 -5.52 0.93
C ARG A 162 14.88 -6.63 1.96
N ASP A 163 13.91 -6.51 2.87
CA ASP A 163 13.84 -7.48 3.94
C ASP A 163 12.42 -7.99 4.03
N PRO A 164 12.18 -9.24 3.56
CA PRO A 164 10.82 -9.76 3.41
C PRO A 164 10.13 -9.98 4.76
N ASN A 165 10.86 -9.90 5.87
CA ASN A 165 10.24 -10.07 7.19
C ASN A 165 9.75 -8.78 7.80
N LEU A 166 10.12 -7.61 7.24
CA LEU A 166 9.78 -6.32 7.91
C LEU A 166 8.45 -5.77 7.36
N LEU A 167 7.39 -5.91 8.14
CA LEU A 167 6.10 -5.51 7.66
C LEU A 167 5.66 -4.24 8.38
N LEU A 168 5.25 -3.24 7.60
CA LEU A 168 4.75 -1.97 8.15
C LEU A 168 3.20 -1.90 8.11
N SER A 169 2.55 -1.53 9.23
CA SER A 169 1.08 -1.38 9.21
C SER A 169 0.74 0.08 9.59
N VAL A 170 -0.30 0.62 9.01
CA VAL A 170 -0.68 1.98 9.31
C VAL A 170 -2.15 1.97 9.76
N SER A 171 -2.46 2.71 10.84
CA SER A 171 -3.72 2.46 11.55
C SER A 171 -4.63 3.66 11.75
N LYS A 172 -5.92 3.35 11.89
CA LYS A 172 -6.95 4.28 12.33
C LYS A 172 -6.61 4.82 13.72
N ASP A 173 -5.76 4.13 14.46
CA ASP A 173 -5.33 4.67 15.75
C ASP A 173 -4.24 5.73 15.68
N HIS A 174 -3.92 6.26 14.49
CA HIS A 174 -2.93 7.35 14.35
C HIS A 174 -1.47 6.87 14.35
N ALA A 175 -1.17 5.57 14.47
CA ALA A 175 0.23 5.16 14.57
C ALA A 175 0.61 4.32 13.39
N LEU A 176 1.90 4.19 13.13
CA LEU A 176 2.36 3.11 12.26
C LEU A 176 3.08 2.10 13.19
N ARG A 177 3.16 0.83 12.80
CA ARG A 177 3.97 -0.16 13.50
C ARG A 177 4.75 -0.97 12.52
N LEU A 178 5.96 -1.28 12.95
CA LEU A 178 6.88 -2.09 12.15
C LEU A 178 7.01 -3.41 12.90
N TRP A 179 6.68 -4.49 12.20
CA TRP A 179 6.75 -5.85 12.77
C TRP A 179 7.86 -6.70 12.07
N ASN A 180 8.45 -7.61 12.81
CA ASN A 180 9.34 -8.59 12.21
C ASN A 180 8.59 -9.94 12.29
N ILE A 181 8.18 -10.37 11.12
CA ILE A 181 7.36 -11.59 10.98
C ILE A 181 8.19 -12.90 10.94
N GLN A 182 9.49 -12.81 11.21
CA GLN A 182 10.34 -13.98 11.40
C GLN A 182 10.31 -14.37 12.88
N THR A 183 10.56 -13.39 13.74
CA THR A 183 10.53 -13.65 15.18
C THR A 183 9.26 -13.17 15.86
N ASP A 184 8.26 -12.67 15.10
CA ASP A 184 6.94 -12.35 15.63
C ASP A 184 7.04 -11.23 16.63
N THR A 185 7.92 -10.24 16.35
CA THR A 185 8.13 -9.09 17.23
C THR A 185 7.63 -7.73 16.68
N LEU A 186 7.16 -6.87 17.61
CA LEU A 186 6.81 -5.51 17.28
C LEU A 186 8.09 -4.69 17.43
N VAL A 187 8.66 -4.25 16.32
CA VAL A 187 9.97 -3.58 16.39
C VAL A 187 9.85 -2.12 16.86
N ALA A 188 8.78 -1.45 16.42
CA ALA A 188 8.61 -0.04 16.76
C ALA A 188 7.20 0.45 16.45
N ILE A 189 6.81 1.50 17.18
CA ILE A 189 5.51 2.18 17.02
C ILE A 189 5.88 3.62 16.65
N PHE A 190 5.31 4.10 15.53
CA PHE A 190 5.59 5.50 15.07
C PHE A 190 4.37 6.31 15.37
N GLY A 191 4.44 7.14 16.42
CA GLY A 191 3.21 7.77 17.03
C GLY A 191 3.56 9.04 17.76
N GLY A 192 2.98 9.28 18.95
CA GLY A 192 3.28 10.50 19.71
C GLY A 192 2.41 11.69 19.27
N VAL A 193 2.38 12.76 20.05
CA VAL A 193 1.54 13.91 19.59
C VAL A 193 2.16 14.58 18.39
N GLU A 194 3.48 14.44 18.22
CA GLU A 194 4.11 14.94 16.97
C GLU A 194 4.01 13.94 15.81
N GLY A 195 3.42 12.75 16.04
CA GLY A 195 3.06 11.86 14.92
C GLY A 195 1.72 12.31 14.40
N HIS A 196 1.04 11.43 13.68
CA HIS A 196 -0.19 11.79 13.07
C HIS A 196 -1.27 12.00 14.16
N ARG A 197 -2.19 12.93 13.88
CA ARG A 197 -3.25 13.26 14.86
C ARG A 197 -4.59 12.79 14.41
N ASP A 198 -4.64 11.85 13.44
CA ASP A 198 -5.91 11.30 12.98
C ASP A 198 -5.46 10.07 12.19
N GLU A 199 -6.40 9.32 11.61
CA GLU A 199 -6.07 8.02 10.98
C GLU A 199 -4.91 8.13 10.02
N VAL A 200 -3.96 7.23 10.15
CA VAL A 200 -2.99 7.12 9.07
C VAL A 200 -3.61 6.26 7.95
N LEU A 201 -3.53 6.69 6.67
CA LEU A 201 -4.22 6.04 5.55
C LEU A 201 -3.24 5.30 4.61
N SER A 202 -2.01 5.79 4.50
CA SER A 202 -1.03 5.17 3.58
C SER A 202 0.38 5.36 4.09
N ALA A 203 1.30 4.52 3.59
CA ALA A 203 2.74 4.76 3.81
C ALA A 203 3.53 4.02 2.76
N ASP A 204 4.81 4.41 2.60
CA ASP A 204 5.68 3.76 1.63
C ASP A 204 7.11 3.83 2.08
N TYR A 205 7.86 2.74 1.89
CA TYR A 205 9.28 2.82 2.15
C TYR A 205 9.97 3.40 0.91
N ASP A 206 11.16 4.01 1.04
CA ASP A 206 11.89 4.40 -0.13
C ASP A 206 12.54 3.14 -0.70
N LEU A 207 13.25 3.36 -1.78
CA LEU A 207 13.94 2.30 -2.54
C LEU A 207 14.75 1.32 -1.67
N LEU A 208 15.59 1.83 -0.79
CA LEU A 208 16.45 0.93 0.00
C LEU A 208 15.84 0.56 1.33
N GLY A 209 14.71 1.12 1.65
CA GLY A 209 14.05 0.82 2.96
C GLY A 209 14.76 1.53 4.14
N GLU A 210 15.33 2.72 3.88
CA GLU A 210 16.00 3.53 4.88
C GLU A 210 15.06 4.51 5.58
N LYS A 211 13.96 4.84 4.94
CA LYS A 211 12.98 5.76 5.52
C LYS A 211 11.62 5.41 4.99
N ILE A 212 10.59 5.93 5.69
CA ILE A 212 9.19 5.71 5.41
C ILE A 212 8.57 7.09 5.24
N MET A 213 7.68 7.25 4.26
CA MET A 213 6.81 8.45 4.25
C MET A 213 5.41 7.92 4.50
N SER A 214 4.74 8.46 5.52
CA SER A 214 3.31 8.17 5.80
C SER A 214 2.38 9.38 5.56
N CYS A 215 1.07 9.16 5.55
CA CYS A 215 0.20 10.28 5.35
C CYS A 215 -1.17 9.93 5.88
N GLY A 216 -2.02 10.90 6.15
CA GLY A 216 -3.37 10.53 6.55
C GLY A 216 -4.45 11.64 6.68
N MET A 217 -5.41 11.38 7.57
CA MET A 217 -6.55 12.29 7.70
C MET A 217 -6.15 13.68 8.26
N ASP A 218 -4.97 13.81 8.85
CA ASP A 218 -4.65 15.11 9.42
C ASP A 218 -4.03 16.01 8.32
N HIS A 219 -4.15 15.57 7.02
CA HIS A 219 -3.64 16.38 5.87
C HIS A 219 -2.11 16.38 5.77
N SER A 220 -1.43 15.69 6.66
CA SER A 220 0.04 15.76 6.62
C SER A 220 0.76 14.53 6.03
N LEU A 221 2.02 14.75 5.60
CA LEU A 221 2.92 13.68 5.18
C LEU A 221 4.09 13.76 6.15
N LYS A 222 4.44 12.63 6.76
CA LYS A 222 5.58 12.58 7.68
C LYS A 222 6.64 11.59 7.33
N LEU A 223 7.88 11.96 7.62
CA LEU A 223 9.01 11.15 7.24
C LEU A 223 9.54 10.53 8.49
N TRP A 224 9.79 9.23 8.43
CA TRP A 224 10.42 8.57 9.54
C TRP A 224 11.61 7.79 9.06
N ARG A 225 12.81 8.17 9.46
CA ARG A 225 14.01 7.47 9.05
C ARG A 225 14.14 6.18 9.87
N ILE A 226 14.48 5.08 9.21
CA ILE A 226 14.64 3.78 9.92
C ILE A 226 16.06 3.25 9.73
N ASN A 227 16.98 4.10 9.32
CA ASN A 227 18.38 3.75 9.25
C ASN A 227 19.15 4.47 10.34
N SER A 228 18.47 5.07 11.33
CA SER A 228 19.16 5.63 12.52
C SER A 228 19.88 4.50 13.26
N LYS A 229 20.92 4.84 14.02
CA LYS A 229 21.58 3.83 14.85
C LYS A 229 20.58 3.09 15.75
N ARG A 230 19.68 3.84 16.39
CA ARG A 230 18.62 3.29 17.24
C ARG A 230 17.70 2.30 16.48
N MET A 231 17.23 2.68 15.28
CA MET A 231 16.38 1.81 14.50
C MET A 231 17.12 0.60 13.92
N MET A 232 18.37 0.77 13.49
CA MET A 232 19.11 -0.41 12.99
C MET A 232 19.40 -1.44 14.09
N ASN A 233 19.73 -0.94 15.27
CA ASN A 233 19.94 -1.80 16.42
C ASN A 233 18.64 -2.54 16.81
N ALA A 234 17.49 -1.83 16.78
CA ALA A 234 16.22 -2.39 17.18
C ALA A 234 15.87 -3.53 16.22
N ILE A 235 16.15 -3.34 14.92
CA ILE A 235 15.92 -4.42 13.93
C ILE A 235 16.82 -5.63 14.21
N LYS A 236 18.10 -5.35 14.42
CA LYS A 236 19.07 -6.40 14.76
C LYS A 236 18.62 -7.17 16.02
N GLU A 237 18.20 -6.43 17.03
CA GLU A 237 17.75 -7.06 18.27
C GLU A 237 16.49 -7.87 18.02
N SER A 238 15.65 -7.39 17.10
CA SER A 238 14.39 -8.13 16.80
C SER A 238 14.65 -9.53 16.27
N TYR A 239 15.71 -9.67 15.49
CA TYR A 239 16.16 -10.95 14.93
C TYR A 239 16.81 -11.87 15.96
N ASP A 240 17.42 -11.28 17.00
CA ASP A 240 18.04 -12.03 18.08
C ASP A 240 17.00 -12.46 19.10
N TYR A 241 15.75 -12.07 18.95
CA TYR A 241 14.76 -12.38 19.99
C TYR A 241 14.06 -13.75 19.84
N ASN A 242 14.16 -14.59 20.84
CA ASN A 242 13.46 -15.89 20.85
C ASN A 242 12.90 -16.07 22.25
N PRO A 243 11.55 -16.01 22.41
CA PRO A 243 11.03 -15.96 23.79
C PRO A 243 11.26 -17.28 24.54
N ASN A 244 11.58 -18.35 23.80
CA ASN A 244 11.92 -19.64 24.42
C ASN A 244 13.31 -19.64 24.98
N LYS A 245 14.17 -18.71 24.57
CA LYS A 245 15.51 -18.75 25.16
C LYS A 245 15.74 -17.59 26.14
N THR A 246 14.69 -16.88 26.56
CA THR A 246 14.91 -15.73 27.44
C THR A 246 13.70 -15.49 28.27
N ASN A 247 13.85 -14.56 29.20
CA ASN A 247 12.79 -14.20 30.17
C ASN A 247 12.09 -12.84 29.83
N ARG A 248 12.83 -11.98 29.19
CA ARG A 248 12.34 -10.65 28.78
C ARG A 248 11.24 -10.68 27.70
N PRO A 249 10.29 -9.75 27.81
CA PRO A 249 9.44 -9.38 26.68
C PRO A 249 10.36 -8.67 25.62
N PHE A 250 9.99 -8.69 24.34
CA PHE A 250 10.74 -7.89 23.41
C PHE A 250 10.38 -6.39 23.53
N ILE A 251 11.35 -5.50 23.71
CA ILE A 251 11.00 -4.04 23.87
C ILE A 251 10.83 -3.40 22.48
N SER A 252 9.67 -2.78 22.26
CA SER A 252 9.50 -1.96 21.05
C SER A 252 10.07 -0.56 21.20
N GLN A 253 10.62 -0.01 20.11
CA GLN A 253 10.89 1.44 20.07
C GLN A 253 9.60 2.25 20.05
N LYS A 254 9.56 3.35 20.76
CA LYS A 254 8.44 4.29 20.65
C LYS A 254 9.06 5.50 19.91
N ILE A 255 8.65 5.74 18.66
CA ILE A 255 9.24 6.85 17.87
C ILE A 255 8.21 7.95 17.84
N HIS A 256 8.47 9.04 18.54
CA HIS A 256 7.52 10.12 18.75
C HIS A 256 7.74 11.37 17.88
N PHE A 257 8.81 11.39 17.06
CA PHE A 257 9.18 12.59 16.28
C PHE A 257 9.50 12.25 14.82
N PRO A 258 8.63 12.65 13.87
CA PRO A 258 8.98 12.41 12.48
C PRO A 258 10.26 13.16 12.17
N ASP A 259 11.02 12.69 11.19
CA ASP A 259 12.20 13.45 10.66
C ASP A 259 11.92 14.57 9.69
N PHE A 260 10.65 14.71 9.32
CA PHE A 260 10.15 15.83 8.52
C PHE A 260 8.63 15.72 8.53
N SER A 261 7.93 16.85 8.45
CA SER A 261 6.46 16.86 8.35
C SER A 261 5.97 18.06 7.53
N THR A 262 4.95 17.84 6.73
CA THR A 262 4.32 18.92 5.99
C THR A 262 2.82 18.74 5.91
N ARG A 263 2.11 19.86 5.99
CA ARG A 263 0.65 19.92 5.72
C ARG A 263 0.39 20.85 4.52
N ASP A 264 1.45 21.13 3.75
CA ASP A 264 1.39 22.13 2.70
C ASP A 264 1.23 21.55 1.31
N ILE A 265 0.90 20.26 1.19
CA ILE A 265 0.75 19.63 -0.16
C ILE A 265 -0.67 19.52 -0.59
N HIS A 266 -1.51 19.03 0.32
CA HIS A 266 -2.94 18.76 0.06
C HIS A 266 -3.74 19.57 1.09
N ARG A 267 -5.04 19.75 0.88
CA ARG A 267 -5.87 20.43 1.86
C ARG A 267 -6.97 19.51 2.33
N ASN A 268 -6.73 18.18 2.28
CA ASN A 268 -7.74 17.21 2.71
C ASN A 268 -7.03 15.89 3.00
N TYR A 269 -7.80 14.89 3.41
CA TYR A 269 -7.25 13.59 3.75
C TYR A 269 -6.21 13.11 2.70
N VAL A 270 -5.02 12.77 3.13
CA VAL A 270 -4.02 12.28 2.19
C VAL A 270 -4.07 10.74 2.24
N ASP A 271 -4.48 10.14 1.12
CA ASP A 271 -4.87 8.71 1.18
C ASP A 271 -3.97 7.76 0.38
N CYS A 272 -2.87 8.30 -0.16
CA CYS A 272 -1.97 7.42 -0.91
C CYS A 272 -0.67 8.14 -1.14
N VAL A 273 0.45 7.48 -0.86
CA VAL A 273 1.78 8.05 -1.01
C VAL A 273 2.77 7.00 -1.55
N ARG A 274 3.67 7.44 -2.41
CA ARG A 274 4.71 6.53 -2.93
C ARG A 274 5.99 7.34 -3.14
N TRP A 275 7.15 6.86 -2.72
CA TRP A 275 8.44 7.44 -3.16
C TRP A 275 8.69 7.30 -4.67
N LEU A 276 9.26 8.32 -5.30
CA LEU A 276 9.73 8.14 -6.67
C LEU A 276 11.17 8.57 -6.62
N GLY A 277 12.07 7.62 -6.32
CA GLY A 277 13.46 7.98 -6.03
C GLY A 277 13.46 8.83 -4.77
N ASP A 278 14.07 10.01 -4.81
CA ASP A 278 14.04 10.91 -3.66
C ASP A 278 12.80 11.86 -3.65
N LEU A 279 11.93 11.78 -4.67
CA LEU A 279 10.77 12.65 -4.69
C LEU A 279 9.58 11.90 -4.10
N ILE A 280 8.47 12.60 -3.86
CA ILE A 280 7.29 11.97 -3.35
C ILE A 280 6.15 12.11 -4.35
N LEU A 281 5.39 11.02 -4.57
CA LEU A 281 4.05 11.18 -5.18
C LEU A 281 2.95 10.96 -4.12
N SER A 282 2.04 11.90 -3.94
CA SER A 282 0.90 11.65 -3.04
C SER A 282 -0.40 12.28 -3.58
N LYS A 283 -1.53 11.76 -3.11
CA LYS A 283 -2.81 12.26 -3.50
C LYS A 283 -3.69 12.44 -2.29
N SER A 284 -4.69 13.29 -2.47
CA SER A 284 -5.80 13.43 -1.52
C SER A 284 -7.05 13.14 -2.28
N CYS A 285 -8.19 13.56 -1.74
CA CYS A 285 -9.43 13.45 -2.51
C CYS A 285 -9.80 14.77 -3.24
N GLU A 286 -8.80 15.40 -3.86
CA GLU A 286 -8.95 16.70 -4.51
C GLU A 286 -8.57 16.58 -5.97
N ASN A 287 -8.62 15.35 -6.51
CA ASN A 287 -8.51 15.14 -7.97
C ASN A 287 -7.13 15.53 -8.49
N ALA A 288 -6.08 15.26 -7.69
CA ALA A 288 -4.67 15.46 -8.11
C ALA A 288 -3.71 14.55 -7.38
N ILE A 289 -2.73 14.11 -8.13
CA ILE A 289 -1.50 13.58 -7.60
C ILE A 289 -0.42 14.63 -7.68
N VAL A 290 0.26 14.89 -6.57
CA VAL A 290 1.25 15.95 -6.53
C VAL A 290 2.63 15.26 -6.46
N CYS A 291 3.55 15.74 -7.28
CA CYS A 291 4.92 15.29 -7.18
C CYS A 291 5.70 16.39 -6.48
N TRP A 292 6.25 16.09 -5.33
CA TRP A 292 6.93 17.12 -4.48
C TRP A 292 8.16 16.55 -3.76
N LYS A 293 8.93 17.42 -3.13
CA LYS A 293 9.99 16.96 -2.26
C LYS A 293 10.07 17.86 -1.04
N PRO A 294 10.54 17.30 0.10
CA PRO A 294 10.95 18.16 1.25
C PRO A 294 12.01 19.20 0.89
N GLY A 295 11.92 20.39 1.51
CA GLY A 295 12.93 21.39 1.41
C GLY A 295 12.92 22.10 0.06
N LYS A 296 14.00 22.78 -0.27
CA LYS A 296 14.11 23.59 -1.46
C LYS A 296 14.60 22.72 -2.63
N MET A 297 14.67 23.30 -3.82
CA MET A 297 14.79 22.52 -5.03
C MET A 297 16.08 21.71 -5.00
N GLU A 298 17.12 22.33 -4.50
CA GLU A 298 18.43 21.74 -4.46
C GLU A 298 18.78 20.94 -3.18
N ASP A 299 17.85 20.84 -2.22
CA ASP A 299 18.11 20.15 -0.93
C ASP A 299 18.09 18.60 -1.00
N ASP A 300 19.20 17.99 -0.62
CA ASP A 300 19.35 16.53 -0.56
C ASP A 300 18.35 15.99 0.50
N ILE A 301 17.55 14.99 0.14
CA ILE A 301 16.63 14.32 1.09
C ILE A 301 17.36 13.91 2.43
N ASP A 302 18.60 13.45 2.37
CA ASP A 302 19.28 12.98 3.62
C ASP A 302 19.95 14.07 4.48
N LYS A 303 19.90 15.33 4.02
CA LYS A 303 20.29 16.47 4.85
C LYS A 303 19.09 17.30 5.37
N ILE A 304 17.85 16.86 5.10
CA ILE A 304 16.65 17.51 5.60
C ILE A 304 16.59 17.29 7.12
N LYS A 305 16.31 18.36 7.87
CA LYS A 305 16.28 18.34 9.34
C LYS A 305 14.82 18.35 9.75
N PRO A 306 14.50 17.89 11.00
CA PRO A 306 13.09 17.80 11.35
C PRO A 306 12.39 19.12 11.38
N SER A 307 13.12 20.21 11.59
CA SER A 307 12.46 21.52 11.58
C SER A 307 12.27 22.09 10.16
N GLU A 308 12.67 21.36 9.11
CA GLU A 308 12.49 21.89 7.73
C GLU A 308 11.07 22.40 7.43
N SER A 309 10.92 23.68 7.04
CA SER A 309 9.60 24.22 6.85
C SER A 309 9.16 24.42 5.37
N ASN A 310 10.06 24.13 4.41
CA ASN A 310 9.71 24.26 2.97
C ASN A 310 9.48 22.94 2.28
N VAL A 311 8.70 23.00 1.19
CA VAL A 311 8.57 21.88 0.23
C VAL A 311 8.67 22.45 -1.15
N THR A 312 8.93 21.60 -2.16
CA THR A 312 9.05 22.08 -3.56
C THR A 312 8.08 21.29 -4.46
N ILE A 313 7.19 21.94 -5.20
CA ILE A 313 6.25 21.22 -6.02
C ILE A 313 6.81 21.04 -7.41
N LEU A 314 7.05 19.79 -7.84
CA LEU A 314 7.63 19.48 -9.17
C LEU A 314 6.63 19.24 -10.28
N GLY A 315 5.36 19.15 -9.93
CA GLY A 315 4.31 18.91 -10.92
C GLY A 315 3.08 18.40 -10.21
N ARG A 316 1.99 18.31 -10.94
CA ARG A 316 0.73 17.81 -10.37
C ARG A 316 -0.06 17.20 -11.54
N PHE A 317 -0.58 15.99 -11.37
CA PHE A 317 -1.30 15.32 -12.42
C PHE A 317 -2.78 15.43 -12.05
N ASP A 318 -3.55 16.23 -12.78
CA ASP A 318 -4.97 16.38 -12.46
C ASP A 318 -5.76 15.27 -13.17
N TYR A 319 -6.99 15.03 -12.72
CA TYR A 319 -7.87 13.97 -13.25
C TYR A 319 -9.31 14.33 -12.71
N SER A 320 -10.35 13.55 -12.99
CA SER A 320 -11.70 13.98 -12.61
C SER A 320 -12.38 12.94 -11.76
N GLN A 321 -13.42 13.38 -11.02
CA GLN A 321 -14.37 12.49 -10.32
C GLN A 321 -13.72 11.43 -9.45
N CYS A 322 -12.93 11.93 -8.50
CA CYS A 322 -12.24 11.14 -7.49
C CYS A 322 -12.23 11.97 -6.20
N ASP A 323 -13.46 12.25 -5.69
CA ASP A 323 -13.73 13.13 -4.55
C ASP A 323 -13.89 12.32 -3.31
N ILE A 324 -14.07 11.02 -3.45
CA ILE A 324 -14.26 10.15 -2.25
C ILE A 324 -12.85 9.80 -1.81
N TRP A 325 -12.66 9.51 -0.52
CA TRP A 325 -11.33 9.13 -0.06
C TRP A 325 -11.15 7.59 0.04
N TYR A 326 -9.90 7.15 0.14
CA TYR A 326 -9.47 5.72 0.11
C TYR A 326 -9.51 5.20 -1.33
N MET A 327 -8.68 5.83 -2.17
CA MET A 327 -8.59 5.57 -3.59
C MET A 327 -7.10 5.59 -3.91
N ARG A 328 -6.54 4.42 -4.21
CA ARG A 328 -5.10 4.27 -4.28
C ARG A 328 -4.56 4.10 -5.68
N PHE A 329 -3.54 4.84 -6.02
CA PHE A 329 -2.83 4.52 -7.28
C PHE A 329 -1.79 3.45 -7.03
N SER A 330 -1.31 2.81 -8.11
CA SER A 330 -0.22 1.83 -8.00
C SER A 330 0.79 2.15 -9.10
N MET A 331 2.03 1.69 -8.94
CA MET A 331 3.04 1.76 -10.00
C MET A 331 3.42 0.39 -10.44
N ASP A 332 4.10 0.31 -11.57
CA ASP A 332 4.62 -0.98 -12.05
C ASP A 332 5.96 -1.22 -11.35
N PHE A 333 6.48 -2.45 -11.55
CA PHE A 333 7.71 -2.84 -10.85
C PHE A 333 8.86 -1.82 -11.05
N TRP A 334 9.01 -1.34 -12.26
CA TRP A 334 10.16 -0.47 -12.55
C TRP A 334 9.90 1.01 -12.22
N GLN A 335 8.67 1.34 -11.82
CA GLN A 335 8.22 2.75 -11.60
C GLN A 335 8.33 3.65 -12.82
N LYS A 336 8.08 3.03 -13.97
CA LYS A 336 7.95 3.70 -15.24
C LYS A 336 6.52 4.28 -15.37
N MET A 337 5.52 3.67 -14.71
CA MET A 337 4.18 4.19 -14.85
C MET A 337 3.39 4.19 -13.60
N LEU A 338 2.25 4.88 -13.67
CA LEU A 338 1.37 5.07 -12.52
C LEU A 338 -0.08 4.90 -13.00
N ALA A 339 -0.86 4.07 -12.30
CA ALA A 339 -2.28 3.91 -12.65
C ALA A 339 -3.17 4.30 -11.49
N LEU A 340 -4.30 4.95 -11.79
CA LEU A 340 -5.32 5.36 -10.84
C LEU A 340 -6.73 5.20 -11.41
N GLY A 341 -7.64 4.58 -10.67
CA GLY A 341 -9.06 4.59 -11.05
C GLY A 341 -9.79 5.72 -10.36
N ASN A 342 -10.86 6.22 -10.98
CA ASN A 342 -11.76 7.13 -10.30
C ASN A 342 -13.12 6.50 -9.82
N GLN A 343 -13.98 7.37 -9.31
CA GLN A 343 -15.17 6.92 -8.60
C GLN A 343 -16.30 6.55 -9.58
N VAL A 344 -16.06 6.72 -10.88
CA VAL A 344 -17.02 6.33 -11.93
C VAL A 344 -16.41 5.31 -12.92
N GLY A 345 -15.30 4.68 -12.54
CA GLY A 345 -14.77 3.52 -13.27
C GLY A 345 -13.86 3.80 -14.46
N LYS A 346 -13.33 5.01 -14.51
CA LYS A 346 -12.29 5.41 -15.47
C LYS A 346 -10.87 5.20 -14.94
N LEU A 347 -9.98 4.67 -15.75
CA LEU A 347 -8.57 4.52 -15.37
C LEU A 347 -7.72 5.58 -16.00
N TYR A 348 -6.74 6.06 -15.22
CA TYR A 348 -5.74 6.98 -15.75
C TYR A 348 -4.39 6.33 -15.55
N VAL A 349 -3.55 6.38 -16.60
CA VAL A 349 -2.21 5.80 -16.59
C VAL A 349 -1.18 6.83 -17.03
N TRP A 350 -0.19 7.13 -16.18
CA TRP A 350 0.76 8.14 -16.53
C TRP A 350 2.13 7.46 -16.81
N ASP A 351 2.67 7.72 -18.01
CA ASP A 351 4.04 7.36 -18.39
C ASP A 351 5.04 8.32 -17.77
N LEU A 352 5.79 7.87 -16.75
CA LEU A 352 6.77 8.71 -16.04
C LEU A 352 8.19 8.62 -16.58
N GLU A 353 8.32 7.95 -17.70
CA GLU A 353 9.54 7.74 -18.43
C GLU A 353 9.82 8.99 -19.28
N VAL A 354 10.05 10.11 -18.60
CA VAL A 354 10.31 11.42 -19.22
C VAL A 354 11.28 12.18 -18.35
N GLU A 355 11.87 13.29 -18.83
CA GLU A 355 13.01 13.86 -18.10
C GLU A 355 12.60 14.57 -16.80
N ASP A 356 11.36 15.05 -16.69
CA ASP A 356 10.99 15.67 -15.42
C ASP A 356 9.62 15.26 -15.04
N PRO A 357 9.31 15.28 -13.74
CA PRO A 357 7.99 14.73 -13.35
C PRO A 357 6.80 15.40 -14.09
N HIS A 358 6.86 16.72 -14.33
CA HIS A 358 5.71 17.42 -14.96
C HIS A 358 5.50 17.13 -16.42
N LYS A 359 6.40 16.33 -17.06
CA LYS A 359 6.26 16.03 -18.44
C LYS A 359 5.56 14.69 -18.57
N ALA A 360 5.00 14.15 -17.46
CA ALA A 360 4.36 12.82 -17.54
C ALA A 360 3.24 12.79 -18.59
N LYS A 361 3.13 11.67 -19.31
CA LYS A 361 2.16 11.47 -20.40
C LYS A 361 0.99 10.58 -19.95
N CYS A 362 -0.22 11.11 -20.07
CA CYS A 362 -1.42 10.45 -19.61
C CYS A 362 -2.23 9.74 -20.73
N THR A 363 -2.70 8.55 -20.39
CA THR A 363 -3.52 7.65 -21.26
C THR A 363 -4.72 7.36 -20.35
N THR A 364 -5.91 7.32 -20.92
CA THR A 364 -7.08 6.87 -20.17
C THR A 364 -7.70 5.61 -20.77
N LEU A 365 -8.27 4.81 -19.92
CA LEU A 365 -8.90 3.54 -20.27
C LEU A 365 -10.31 3.53 -19.64
N THR A 366 -11.33 3.42 -20.50
CA THR A 366 -12.71 3.28 -20.09
C THR A 366 -13.35 2.07 -20.76
N HIS A 367 -14.37 1.52 -20.12
CA HIS A 367 -15.17 0.47 -20.67
C HIS A 367 -16.63 0.80 -20.31
N HIS A 368 -17.52 0.65 -21.28
CA HIS A 368 -18.92 1.08 -21.13
C HIS A 368 -19.66 0.40 -19.96
N LYS A 369 -19.18 -0.76 -19.53
CA LYS A 369 -19.83 -1.50 -18.46
C LYS A 369 -19.11 -1.31 -17.14
N CYS A 370 -17.97 -0.56 -17.18
CA CYS A 370 -17.23 -0.36 -15.92
C CYS A 370 -17.61 1.03 -15.37
N GLY A 371 -18.56 1.04 -14.45
CA GLY A 371 -19.10 2.30 -13.94
C GLY A 371 -18.96 2.50 -12.45
N ALA A 372 -18.42 1.52 -11.73
CA ALA A 372 -18.37 1.69 -10.25
C ALA A 372 -17.00 2.25 -9.87
N ALA A 373 -16.93 2.80 -8.66
CA ALA A 373 -15.68 3.33 -8.14
C ALA A 373 -14.54 2.31 -8.15
N ILE A 374 -13.40 2.68 -8.75
CA ILE A 374 -12.21 1.82 -8.67
C ILE A 374 -11.34 2.15 -7.42
N ARG A 375 -11.06 1.16 -6.55
CA ARG A 375 -10.37 1.45 -5.27
C ARG A 375 -8.88 1.33 -5.40
N GLN A 376 -8.41 0.40 -6.25
CA GLN A 376 -7.00 0.21 -6.38
C GLN A 376 -6.77 -0.53 -7.72
N THR A 377 -5.54 -0.48 -8.21
CA THR A 377 -5.10 -1.10 -9.42
C THR A 377 -3.84 -1.89 -9.07
N SER A 378 -3.48 -2.86 -9.87
CA SER A 378 -2.18 -3.49 -9.69
C SER A 378 -1.63 -3.94 -11.03
N PHE A 379 -0.32 -3.74 -11.28
CA PHE A 379 0.35 -4.27 -12.49
C PHE A 379 0.94 -5.62 -12.16
N SER A 380 0.92 -6.56 -13.12
CA SER A 380 1.72 -7.77 -13.00
C SER A 380 3.18 -7.37 -12.98
N ARG A 381 4.10 -8.27 -12.59
CA ARG A 381 5.49 -7.91 -12.45
C ARG A 381 6.11 -7.50 -13.82
N ASP A 382 5.73 -8.22 -14.87
CA ASP A 382 6.26 -8.03 -16.22
C ASP A 382 5.57 -6.88 -16.93
N SER A 383 4.65 -6.23 -16.21
CA SER A 383 3.83 -5.13 -16.73
C SER A 383 2.78 -5.48 -17.85
N SER A 384 2.54 -6.76 -18.16
CA SER A 384 1.67 -7.07 -19.31
C SER A 384 0.20 -7.00 -18.95
N ILE A 385 -0.09 -6.98 -17.63
CA ILE A 385 -1.50 -6.97 -17.17
C ILE A 385 -1.75 -5.89 -16.11
N LEU A 386 -2.88 -5.21 -16.23
CA LEU A 386 -3.32 -4.28 -15.20
C LEU A 386 -4.67 -4.71 -14.68
N ILE A 387 -4.82 -4.89 -13.36
CA ILE A 387 -6.11 -5.22 -12.78
C ILE A 387 -6.67 -4.01 -12.01
N ALA A 388 -8.00 -3.73 -12.12
CA ALA A 388 -8.70 -2.73 -11.29
C ALA A 388 -9.86 -3.40 -10.54
N VAL A 389 -10.08 -3.03 -9.28
CA VAL A 389 -11.18 -3.61 -8.51
C VAL A 389 -12.09 -2.49 -8.02
N CYS A 390 -13.41 -2.79 -7.88
CA CYS A 390 -14.46 -1.81 -7.75
C CYS A 390 -15.31 -1.98 -6.51
N ASP A 391 -16.03 -0.91 -6.20
CA ASP A 391 -16.96 -0.87 -5.08
C ASP A 391 -18.13 -1.87 -5.22
N ASP A 392 -18.43 -2.33 -6.42
CA ASP A 392 -19.53 -3.30 -6.60
C ASP A 392 -19.01 -4.74 -6.67
N ALA A 393 -17.79 -4.95 -6.19
CA ALA A 393 -17.11 -6.24 -6.13
C ALA A 393 -16.66 -6.78 -7.50
N SER A 394 -16.65 -5.92 -8.53
CA SER A 394 -16.22 -6.31 -9.85
C SER A 394 -14.70 -6.18 -10.01
N ILE A 395 -14.14 -6.91 -10.97
CA ILE A 395 -12.67 -6.97 -11.14
C ILE A 395 -12.51 -6.84 -12.64
N TRP A 396 -11.56 -6.02 -13.08
CA TRP A 396 -11.40 -5.67 -14.50
C TRP A 396 -9.98 -5.97 -14.90
N ARG A 397 -9.83 -6.67 -16.02
CA ARG A 397 -8.56 -7.06 -16.50
C ARG A 397 -8.20 -6.38 -17.83
N TRP A 398 -7.01 -5.77 -17.88
CA TRP A 398 -6.54 -5.03 -19.06
C TRP A 398 -5.16 -5.60 -19.40
N ASP A 399 -4.96 -6.09 -20.64
CA ASP A 399 -3.67 -6.64 -21.12
C ASP A 399 -3.12 -5.68 -22.15
N ARG A 400 -1.81 -5.54 -22.20
CA ARG A 400 -1.15 -4.85 -23.33
C ARG A 400 -1.18 -5.62 -24.64
N HIS B 6 -15.96 15.04 3.53
CA HIS B 6 -15.79 14.14 2.33
C HIS B 6 -16.04 12.67 2.66
N ARG B 7 -16.77 11.97 1.80
CA ARG B 7 -17.09 10.60 2.14
C ARG B 7 -16.14 9.53 1.54
N M3L B 8 -16.25 8.34 2.11
CA M3L B 8 -15.48 7.19 1.68
CB M3L B 8 -15.16 6.29 2.88
CG M3L B 8 -14.18 5.19 2.49
CD M3L B 8 -14.08 4.17 3.62
CE M3L B 8 -12.93 3.18 3.24
NZ M3L B 8 -12.59 2.15 4.27
C M3L B 8 -16.09 6.48 0.52
O M3L B 8 -15.37 5.99 -0.37
CM1 M3L B 8 -11.83 2.68 5.42
CM2 M3L B 8 -11.68 1.10 3.73
CM3 M3L B 8 -13.87 1.58 4.82
N VAL B 9 -17.44 6.44 0.52
CA VAL B 9 -18.28 5.71 -0.45
C VAL B 9 -19.37 6.64 -1.00
N LEU B 10 -19.67 6.55 -2.30
CA LEU B 10 -20.74 7.34 -2.93
C LEU B 10 -22.11 6.95 -2.33
N ARG B 11 -22.95 7.94 -2.11
CA ARG B 11 -24.22 7.71 -1.38
C ARG B 11 -25.44 7.20 -2.21
#